data_1LPW
#
_entry.id   1LPW
#
loop_
_entity.id
_entity.type
_entity.pdbx_description
1 polymer "5'-R(*GP*GP*UP*GP*(PSU)P*AP*GP*UP*A)-3'"
2 polymer "5'-R(*UP*AP*CP*UP*AP*AP*CP*AP*CP*C)-3'"
#
loop_
_entity_poly.entity_id
_entity_poly.type
_entity_poly.pdbx_seq_one_letter_code
_entity_poly.pdbx_strand_id
1 'polyribonucleotide' GGUG(PSU)AGUA A
2 'polyribonucleotide' UACUAACACC B
#